data_9MGU
#
_entry.id   9MGU
#
_cell.length_a   57.459
_cell.length_b   57.459
_cell.length_c   123.383
_cell.angle_alpha   90.000
_cell.angle_beta   90.000
_cell.angle_gamma   90.000
#
_symmetry.space_group_name_H-M   'P 43 21 2'
#
loop_
_entity.id
_entity.type
_entity.pdbx_description
1 polymer 'Aminoglycoside acetyltransferase'
2 non-polymer 'COENZYME A'
3 water water
#
_entity_poly.entity_id   1
_entity_poly.type   'polypeptide(L)'
_entity_poly.pdbx_seq_one_letter_code
;MGIIRTCRLGPDQVKSMRAALDLFGREFGGVATYSQHQPDSDYLGNLLRSKTFIALAAFDQEAVVGALAAYVLPKFEQAR
SEIYIYDLAVSGEHRRQGIATALINLLKHEANALGAYVIYVQADYGDDPAVALYTKLGIREEVMHFDIDPSTAT
;
_entity_poly.pdbx_strand_id   A
#
loop_
_chem_comp.id
_chem_comp.type
_chem_comp.name
_chem_comp.formula
COA non-polymer 'COENZYME A' 'C21 H36 N7 O16 P3 S'
#
# COMPACT_ATOMS: atom_id res chain seq x y z
N GLY A 2 -21.64 0.00 -8.03
CA GLY A 2 -21.17 -0.49 -6.74
C GLY A 2 -20.69 -1.95 -6.75
N ILE A 3 -20.13 -2.35 -7.86
CA ILE A 3 -19.50 -3.66 -7.96
C ILE A 3 -18.02 -3.43 -7.85
N ILE A 4 -17.44 -3.77 -6.70
CA ILE A 4 -16.03 -3.51 -6.46
C ILE A 4 -15.21 -4.72 -6.90
N ARG A 5 -14.17 -4.45 -7.70
CA ARG A 5 -13.15 -5.44 -8.04
C ARG A 5 -11.79 -5.03 -7.47
N THR A 6 -11.09 -6.01 -6.91
CA THR A 6 -9.75 -5.82 -6.37
C THR A 6 -8.75 -6.60 -7.21
N CYS A 7 -7.58 -6.02 -7.43
CA CYS A 7 -6.54 -6.71 -8.18
C CYS A 7 -5.19 -6.12 -7.83
N ARG A 8 -4.17 -6.85 -8.22
CA ARG A 8 -2.80 -6.34 -8.17
C ARG A 8 -2.47 -5.75 -9.52
N LEU A 9 -2.00 -4.49 -9.53
CA LEU A 9 -1.58 -3.87 -10.79
C LEU A 9 -0.30 -4.49 -11.32
N GLY A 10 -0.22 -4.58 -12.65
CA GLY A 10 0.98 -4.93 -13.34
C GLY A 10 1.42 -3.76 -14.18
N PRO A 11 2.55 -3.91 -14.86
CA PRO A 11 3.13 -2.78 -15.62
C PRO A 11 2.34 -2.35 -16.83
N ASP A 12 1.36 -3.13 -17.24
CA ASP A 12 0.40 -2.69 -18.24
C ASP A 12 -0.65 -1.76 -17.65
N GLN A 13 -0.60 -1.42 -16.37
CA GLN A 13 -1.67 -0.65 -15.75
C GLN A 13 -1.18 0.62 -15.09
N VAL A 14 -0.24 1.29 -15.76
CA VAL A 14 0.30 2.52 -15.20
C VAL A 14 -0.81 3.54 -15.05
N LYS A 15 -1.78 3.53 -15.96
CA LYS A 15 -2.91 4.44 -15.87
C LYS A 15 -3.70 4.25 -14.56
N SER A 16 -3.98 3.01 -14.18
CA SER A 16 -4.70 2.84 -12.91
C SER A 16 -3.82 3.18 -11.73
N MET A 17 -2.49 3.04 -11.88
CA MET A 17 -1.57 3.34 -10.81
C MET A 17 -1.50 4.84 -10.54
N ARG A 18 -1.47 5.65 -11.60
CA ARG A 18 -1.53 7.10 -11.40
C ARG A 18 -2.83 7.48 -10.70
N ALA A 19 -3.91 6.76 -10.99
CA ALA A 19 -5.17 7.05 -10.30
C ALA A 19 -5.11 6.64 -8.84
N ALA A 20 -4.36 5.57 -8.52
CA ALA A 20 -4.18 5.25 -7.11
C ALA A 20 -3.35 6.33 -6.41
N LEU A 21 -2.39 6.89 -7.13
CA LEU A 21 -1.60 7.97 -6.56
C LEU A 21 -2.50 9.15 -6.20
N ASP A 22 -3.43 9.51 -7.10
CA ASP A 22 -4.36 10.59 -6.79
C ASP A 22 -5.20 10.27 -5.55
N LEU A 23 -5.62 9.00 -5.38
CA LEU A 23 -6.41 8.66 -4.19
C LEU A 23 -5.60 8.95 -2.93
N PHE A 24 -4.34 8.53 -2.90
CA PHE A 24 -3.48 8.86 -1.75
C PHE A 24 -3.43 10.36 -1.51
N GLY A 25 -3.05 11.14 -2.52
CA GLY A 25 -2.95 12.58 -2.34
C GLY A 25 -4.22 13.18 -1.77
N ARG A 26 -5.36 12.78 -2.31
CA ARG A 26 -6.61 13.34 -1.84
C ARG A 26 -6.89 12.94 -0.40
N GLU A 27 -6.60 11.68 -0.05
CA GLU A 27 -7.03 11.13 1.24
C GLU A 27 -6.05 11.47 2.36
N PHE A 28 -4.76 11.55 2.07
CA PHE A 28 -3.77 12.01 3.04
C PHE A 28 -3.58 13.53 3.00
N GLY A 29 -4.33 14.25 2.17
CA GLY A 29 -4.21 15.68 2.05
C GLY A 29 -3.00 16.17 1.26
N GLY A 30 -2.22 15.27 0.65
CA GLY A 30 -0.94 15.64 0.07
C GLY A 30 -0.86 15.73 -1.45
N VAL A 31 -1.79 16.43 -2.08
CA VAL A 31 -1.85 16.55 -3.54
C VAL A 31 -0.70 17.39 -4.06
N THR A 33 2.26 16.62 -3.73
CA THR A 33 3.09 15.61 -3.07
C THR A 33 2.82 14.19 -3.64
N TYR A 34 1.57 13.95 -4.06
CA TYR A 34 1.17 12.69 -4.65
C TYR A 34 0.67 12.81 -6.08
N SER A 35 0.20 14.00 -6.49
CA SER A 35 -0.51 14.23 -7.74
C SER A 35 0.16 15.26 -8.65
N GLN A 36 0.87 16.24 -8.10
CA GLN A 36 1.92 16.84 -8.93
C GLN A 36 3.22 16.11 -8.53
N HIS A 37 4.19 16.21 -9.43
CA HIS A 37 5.50 15.58 -9.27
C HIS A 37 5.44 14.05 -9.34
N GLN A 38 4.38 13.48 -9.92
CA GLN A 38 4.33 12.03 -10.09
C GLN A 38 5.52 11.57 -10.94
N PRO A 39 6.03 10.37 -10.72
CA PRO A 39 7.11 9.86 -11.59
C PRO A 39 6.58 9.63 -12.99
N ASP A 40 7.51 9.60 -13.94
CA ASP A 40 7.14 9.30 -15.32
C ASP A 40 6.75 7.84 -15.47
N SER A 41 6.34 7.50 -16.67
CA SER A 41 5.63 6.25 -16.90
C SER A 41 6.54 5.04 -16.87
N ASP A 42 7.80 5.22 -17.27
CA ASP A 42 8.78 4.14 -17.17
C ASP A 42 9.05 3.80 -15.72
N TYR A 43 9.19 4.83 -14.88
CA TYR A 43 9.47 4.62 -13.47
C TYR A 43 8.33 3.82 -12.84
N LEU A 44 7.09 4.29 -13.03
CA LEU A 44 5.93 3.54 -12.54
C LEU A 44 5.90 2.13 -13.12
N GLY A 45 6.13 1.99 -14.43
CA GLY A 45 6.14 0.66 -15.02
C GLY A 45 7.17 -0.25 -14.41
N ASN A 46 8.38 0.26 -14.18
CA ASN A 46 9.45 -0.50 -13.53
C ASN A 46 9.08 -0.92 -12.11
N LEU A 47 8.40 -0.07 -11.37
CA LEU A 47 7.89 -0.46 -10.06
C LEU A 47 6.91 -1.61 -10.19
N LEU A 48 5.95 -1.50 -11.11
CA LEU A 48 4.98 -2.54 -11.27
C LEU A 48 5.59 -3.83 -11.80
N ARG A 49 6.80 -3.77 -12.36
CA ARG A 49 7.41 -4.98 -12.88
C ARG A 49 8.13 -5.75 -11.78
N SER A 50 8.48 -5.09 -10.69
CA SER A 50 9.27 -5.75 -9.67
C SER A 50 8.43 -6.76 -8.89
N LYS A 51 9.08 -7.85 -8.53
CA LYS A 51 8.56 -8.81 -7.58
C LYS A 51 8.48 -8.25 -6.16
N THR A 52 9.16 -7.13 -5.89
CA THR A 52 9.32 -6.60 -4.54
C THR A 52 8.40 -5.42 -4.23
N PHE A 53 7.60 -4.97 -5.16
CA PHE A 53 6.65 -3.90 -4.92
C PHE A 53 5.26 -4.44 -5.22
N ILE A 54 4.30 -4.17 -4.36
CA ILE A 54 2.96 -4.68 -4.56
C ILE A 54 2.00 -3.51 -4.57
N ALA A 55 1.39 -3.24 -5.71
CA ALA A 55 0.34 -2.23 -5.78
C ALA A 55 -1.00 -2.95 -5.98
N LEU A 56 -1.91 -2.70 -5.06
CA LEU A 56 -3.24 -3.26 -5.11
C LEU A 56 -4.24 -2.12 -5.24
N ALA A 57 -5.30 -2.36 -6.01
CA ALA A 57 -6.35 -1.39 -6.22
C ALA A 57 -7.72 -2.04 -6.20
N ALA A 58 -8.70 -1.26 -5.74
CA ALA A 58 -10.11 -1.59 -5.80
C ALA A 58 -10.77 -0.65 -6.81
N PHE A 59 -11.51 -1.23 -7.73
CA PHE A 59 -12.18 -0.50 -8.80
C PHE A 59 -13.69 -0.50 -8.60
N ASP A 60 -14.32 0.65 -8.82
CA ASP A 60 -15.77 0.73 -8.86
C ASP A 60 -16.26 0.51 -10.28
N GLN A 61 -15.90 1.40 -11.19
CA GLN A 61 -16.17 1.03 -12.57
C GLN A 61 -14.82 0.87 -13.26
N GLU A 62 -14.32 1.98 -13.76
CA GLU A 62 -12.90 2.18 -14.04
C GLU A 62 -12.27 3.06 -12.99
N ALA A 63 -13.07 3.59 -12.05
CA ALA A 63 -12.56 4.45 -10.98
C ALA A 63 -11.84 3.65 -9.90
N VAL A 64 -10.74 4.20 -9.42
CA VAL A 64 -9.97 3.61 -8.33
C VAL A 64 -10.53 4.19 -7.07
N VAL A 65 -11.10 3.33 -6.22
CA VAL A 65 -11.71 3.75 -4.96
C VAL A 65 -10.96 3.24 -3.73
N GLY A 66 -9.94 2.41 -3.92
CA GLY A 66 -9.05 2.02 -2.84
C GLY A 66 -7.68 1.63 -3.39
N ALA A 67 -6.65 1.86 -2.61
CA ALA A 67 -5.34 1.45 -3.05
C ALA A 67 -4.46 1.07 -1.88
N LEU A 68 -3.49 0.20 -2.15
CA LEU A 68 -2.55 -0.24 -1.13
C LEU A 68 -1.22 -0.48 -1.82
N ALA A 69 -0.16 0.11 -1.26
CA ALA A 69 1.22 -0.06 -1.69
C ALA A 69 2.05 -0.74 -0.60
N ALA A 70 2.69 -1.84 -0.94
CA ALA A 70 3.43 -2.62 0.03
C ALA A 70 4.73 -3.06 -0.63
N TYR A 71 5.72 -3.37 0.20
CA TYR A 71 7.05 -3.82 -0.24
C TYR A 71 7.30 -5.21 0.29
N VAL A 72 7.83 -6.09 -0.53
CA VAL A 72 8.25 -7.40 -0.04
C VAL A 72 9.69 -7.30 0.41
N LEU A 73 10.00 -7.84 1.59
CA LEU A 73 11.34 -7.76 2.13
C LEU A 73 11.93 -9.14 2.22
N PRO A 74 12.67 -9.57 1.22
CA PRO A 74 13.25 -10.91 1.26
C PRO A 74 14.34 -10.91 2.33
N LYS A 75 14.21 -11.79 3.30
CA LYS A 75 15.10 -11.81 4.45
C LYS A 75 16.41 -12.52 4.17
N PHE A 76 17.41 -12.18 4.98
CA PHE A 76 18.78 -12.63 4.82
C PHE A 76 19.15 -13.72 5.80
N GLU A 77 18.60 -13.72 7.02
CA GLU A 77 18.94 -14.79 7.98
C GLU A 77 18.36 -16.15 7.57
N GLN A 78 17.33 -16.14 6.73
CA GLN A 78 16.57 -17.32 6.37
C GLN A 78 15.84 -17.04 5.08
N ALA A 79 15.64 -18.08 4.28
CA ALA A 79 14.82 -18.01 3.08
C ALA A 79 13.34 -17.82 3.39
N ARG A 80 12.90 -16.58 3.54
CA ARG A 80 11.54 -16.23 3.90
C ARG A 80 11.40 -14.76 3.61
N SER A 81 10.18 -14.27 3.75
CA SER A 81 9.87 -12.91 3.39
C SER A 81 8.86 -12.31 4.34
N GLU A 82 8.88 -10.99 4.39
CA GLU A 82 7.96 -10.19 5.16
C GLU A 82 7.41 -9.14 4.21
N ILE A 83 6.16 -8.76 4.38
CA ILE A 83 5.55 -7.72 3.55
C ILE A 83 5.27 -6.50 4.42
N TYR A 84 5.64 -5.33 3.94
CA TYR A 84 5.52 -4.10 4.69
C TYR A 84 4.54 -3.15 3.98
N ILE A 85 3.37 -2.93 4.57
CA ILE A 85 2.38 -2.04 3.99
C ILE A 85 2.84 -0.62 4.22
N TYR A 86 2.99 0.14 3.14
CA TYR A 86 3.44 1.51 3.19
C TYR A 86 2.26 2.48 3.27
N ASP A 87 1.35 2.43 2.28
CA ASP A 87 0.17 3.28 2.26
C ASP A 87 -1.09 2.48 1.92
N LEU A 88 -2.19 2.93 2.48
CA LEU A 88 -3.51 2.34 2.27
C LEU A 88 -4.52 3.45 2.40
N ALA A 89 -5.37 3.59 1.39
CA ALA A 89 -6.35 4.66 1.34
C ALA A 89 -7.62 4.14 0.72
N VAL A 90 -8.75 4.73 1.11
CA VAL A 90 -10.05 4.46 0.50
C VAL A 90 -10.77 5.78 0.23
N SER A 91 -11.37 5.89 -0.96
CA SER A 91 -12.21 7.05 -1.27
C SER A 91 -13.15 7.41 -0.12
N GLY A 92 -13.31 8.71 0.10
CA GLY A 92 -14.22 9.17 1.14
C GLY A 92 -15.67 8.81 0.88
N GLU A 93 -16.07 8.71 -0.37
CA GLU A 93 -17.44 8.31 -0.71
C GLU A 93 -17.66 6.81 -0.64
N HIS A 94 -16.67 6.05 -0.17
CA HIS A 94 -16.70 4.59 -0.24
C HIS A 94 -16.26 3.96 1.07
N ARG A 95 -16.21 4.73 2.14
CA ARG A 95 -15.81 4.25 3.44
C ARG A 95 -16.88 3.34 4.05
N ARG A 96 -16.44 2.55 5.03
CA ARG A 96 -17.32 1.65 5.79
C ARG A 96 -18.07 0.70 4.86
N GLN A 97 -17.37 0.21 3.82
CA GLN A 97 -17.89 -0.77 2.88
C GLN A 97 -16.96 -1.97 2.69
N GLY A 98 -16.05 -2.19 3.61
CA GLY A 98 -15.16 -3.33 3.47
C GLY A 98 -14.01 -3.19 2.49
N ILE A 99 -13.72 -1.98 1.98
CA ILE A 99 -12.72 -1.83 0.92
C ILE A 99 -11.31 -2.06 1.47
N ALA A 100 -10.94 -1.37 2.54
CA ALA A 100 -9.64 -1.57 3.14
C ALA A 100 -9.42 -3.04 3.51
N THR A 101 -10.44 -3.70 4.04
CA THR A 101 -10.31 -5.08 4.51
C THR A 101 -10.09 -6.02 3.35
N ALA A 102 -10.77 -5.75 2.22
CA ALA A 102 -10.60 -6.57 1.02
C ALA A 102 -9.20 -6.41 0.42
N LEU A 103 -8.64 -5.20 0.45
CA LEU A 103 -7.32 -5.03 -0.11
C LEU A 103 -6.29 -5.74 0.75
N ILE A 104 -6.51 -5.70 2.07
CA ILE A 104 -5.61 -6.41 2.98
C ILE A 104 -5.79 -7.90 2.80
N ASN A 105 -7.02 -8.34 2.54
CA ASN A 105 -7.26 -9.76 2.31
C ASN A 105 -6.51 -10.23 1.07
N LEU A 106 -6.58 -9.43 -0.02
CA LEU A 106 -5.83 -9.74 -1.22
C LEU A 106 -4.32 -9.72 -0.93
N LEU A 107 -3.88 -8.83 -0.07
CA LEU A 107 -2.44 -8.80 0.23
C LEU A 107 -2.03 -10.11 0.88
N LYS A 108 -2.91 -10.67 1.74
CA LYS A 108 -2.59 -11.94 2.38
C LYS A 108 -2.47 -13.05 1.34
N HIS A 109 -3.37 -13.07 0.34
CA HIS A 109 -3.23 -14.05 -0.74
C HIS A 109 -1.94 -13.84 -1.51
N GLU A 110 -1.55 -12.58 -1.76
CA GLU A 110 -0.24 -12.34 -2.37
C GLU A 110 0.88 -12.84 -1.45
N ALA A 111 0.78 -12.57 -0.16
CA ALA A 111 1.81 -13.05 0.76
C ALA A 111 1.92 -14.58 0.70
N ASN A 112 0.79 -15.27 0.76
CA ASN A 112 0.85 -16.73 0.77
C ASN A 112 1.50 -17.25 -0.50
N ALA A 113 1.24 -16.61 -1.63
CA ALA A 113 1.87 -17.08 -2.85
C ALA A 113 3.38 -16.88 -2.81
N LEU A 114 3.86 -15.85 -2.10
CA LEU A 114 5.27 -15.53 -1.96
C LEU A 114 5.99 -16.27 -0.84
N GLY A 115 5.32 -17.17 -0.13
CA GLY A 115 5.95 -17.68 1.08
C GLY A 115 6.30 -16.63 2.10
N ALA A 116 5.69 -15.45 2.02
CA ALA A 116 5.86 -14.48 3.09
C ALA A 116 5.05 -14.91 4.30
N TYR A 117 5.64 -14.77 5.48
CA TYR A 117 5.06 -15.35 6.67
C TYR A 117 4.38 -14.31 7.54
N VAL A 118 4.56 -13.03 7.26
CA VAL A 118 3.95 -11.97 8.04
C VAL A 118 3.81 -10.71 7.19
N ILE A 119 2.79 -9.95 7.49
CA ILE A 119 2.56 -8.65 6.89
C ILE A 119 2.54 -7.66 8.05
N TYR A 120 3.17 -6.50 7.88
CA TYR A 120 3.18 -5.55 8.97
C TYR A 120 3.06 -4.14 8.43
N VAL A 121 2.54 -3.28 9.30
CA VAL A 121 2.13 -1.93 8.92
C VAL A 121 2.28 -1.05 10.14
N GLN A 122 2.53 0.23 9.91
CA GLN A 122 2.85 1.18 10.96
C GLN A 122 1.84 2.30 10.97
N ALA A 123 1.58 2.86 12.15
CA ALA A 123 0.60 3.92 12.29
C ALA A 123 1.05 4.96 13.31
N ASP A 124 0.67 6.20 13.06
CA ASP A 124 0.96 7.30 13.97
C ASP A 124 -0.10 7.38 15.07
N TYR A 125 0.35 7.67 16.29
CA TYR A 125 -0.59 7.99 17.36
C TYR A 125 -1.49 9.14 16.92
N GLY A 126 -2.81 8.90 16.86
CA GLY A 126 -3.79 9.91 16.48
C GLY A 126 -4.59 9.57 15.23
N ASP A 127 -4.06 8.70 14.37
CA ASP A 127 -4.76 8.20 13.19
C ASP A 127 -5.67 7.06 13.64
N ASP A 128 -6.83 7.44 14.18
CA ASP A 128 -7.66 6.48 14.89
C ASP A 128 -8.39 5.52 13.94
N PRO A 129 -8.76 5.95 12.75
CA PRO A 129 -9.26 4.96 11.78
C PRO A 129 -8.20 3.87 11.56
N ALA A 130 -7.05 4.32 11.08
CA ALA A 130 -5.92 3.43 10.85
C ALA A 130 -5.69 2.51 12.03
N VAL A 131 -5.64 3.08 13.24
CA VAL A 131 -5.34 2.31 14.44
C VAL A 131 -6.46 1.34 14.74
N ALA A 132 -7.71 1.75 14.49
CA ALA A 132 -8.83 0.84 14.71
C ALA A 132 -8.82 -0.29 13.70
N LEU A 133 -8.52 0.02 12.44
CA LEU A 133 -8.47 -1.02 11.42
C LEU A 133 -7.38 -2.04 11.73
N TYR A 134 -6.19 -1.55 12.04
CA TYR A 134 -5.09 -2.45 12.24
C TYR A 134 -5.24 -3.23 13.54
N THR A 135 -5.90 -2.62 14.54
CA THR A 135 -6.14 -3.33 15.80
C THR A 135 -7.17 -4.42 15.63
N LYS A 136 -8.14 -4.24 14.73
CA LYS A 136 -9.05 -5.33 14.42
C LYS A 136 -8.33 -6.45 13.68
N LEU A 137 -7.32 -6.12 12.88
CA LEU A 137 -6.75 -7.06 11.95
C LEU A 137 -5.44 -7.69 12.42
N GLY A 138 -4.71 -7.01 13.30
CA GLY A 138 -3.46 -7.56 13.74
C GLY A 138 -3.09 -7.20 15.17
N ILE A 139 -1.85 -7.48 15.55
CA ILE A 139 -1.36 -7.38 16.91
C ILE A 139 -0.51 -6.13 17.02
N ARG A 140 -0.94 -5.18 17.85
CA ARG A 140 -0.20 -3.95 18.07
C ARG A 140 1.07 -4.16 18.91
N GLU A 141 2.14 -3.48 18.52
CA GLU A 141 3.34 -3.29 19.33
C GLU A 141 3.65 -1.81 19.20
N GLU A 142 4.39 -1.28 20.16
CA GLU A 142 4.81 0.11 20.12
C GLU A 142 6.33 0.12 20.00
N VAL A 143 6.85 1.05 19.19
CA VAL A 143 8.27 1.08 18.88
C VAL A 143 8.68 2.50 18.56
N MET A 144 9.98 2.72 18.48
CA MET A 144 10.58 3.99 18.12
C MET A 144 11.09 3.95 16.69
N HIS A 145 11.06 5.10 16.04
CA HIS A 145 11.51 5.31 14.68
C HIS A 145 12.49 6.46 14.71
N PHE A 146 13.61 6.32 14.02
CA PHE A 146 14.63 7.34 13.91
C PHE A 146 14.88 7.62 12.44
N ASP A 147 14.99 8.90 12.09
CA ASP A 147 15.34 9.33 10.74
C ASP A 147 16.78 9.85 10.71
N ILE A 148 17.53 9.48 9.66
CA ILE A 148 18.92 9.88 9.48
C ILE A 148 19.08 10.56 8.15
N ASP A 149 19.76 11.72 8.16
CA ASP A 149 20.00 12.52 6.97
C ASP A 149 21.29 12.07 6.30
N PRO A 150 21.22 11.44 5.12
CA PRO A 150 22.46 11.05 4.41
C PRO A 150 23.30 12.22 3.94
N SER A 151 22.75 13.42 4.02
CA SER A 151 23.45 14.63 3.59
C SER A 151 24.76 14.79 4.35
N THR A 152 24.82 14.29 5.58
CA THR A 152 25.98 14.48 6.43
C THR A 152 27.08 13.44 6.23
N ALA A 153 26.95 12.53 5.24
CA ALA A 153 28.03 11.58 4.98
C ALA A 153 29.39 12.24 5.06
N THR A 154 30.39 11.51 5.60
CA THR A 154 31.75 12.04 5.65
C THR A 154 32.83 11.10 5.08
N1A COA B . -13.19 5.37 12.75
C2A COA B . -12.96 4.36 13.63
N3A COA B . -12.67 3.15 13.17
C4A COA B . -12.57 2.90 11.83
C5A COA B . -12.80 3.90 10.96
C6A COA B . -13.12 5.15 11.44
N6A COA B . -13.34 6.14 10.57
N7A COA B . -12.65 3.44 9.71
C8A COA B . -12.33 2.13 9.81
N9A COA B . -12.29 1.79 11.12
C1B COA B . -11.93 0.39 11.38
C2B COA B . -12.81 -0.26 12.16
O2B COA B . -12.09 -1.18 13.03
C3B COA B . -13.74 -1.00 11.22
O3B COA B . -14.26 -2.24 11.66
P3B COA B . -15.82 -2.30 11.97
O7A COA B . -16.20 -3.73 12.23
O8A COA B . -16.68 -1.76 10.83
O9A COA B . -16.01 -1.42 13.21
C4B COA B . -12.82 -1.29 10.03
O4B COA B . -11.77 -0.32 10.16
C5B COA B . -13.62 -1.11 8.79
O5B COA B . -13.05 -1.87 7.74
P1A COA B . -13.19 -1.22 6.21
O1A COA B . -12.69 -2.41 5.39
O2A COA B . -14.65 -0.87 5.78
O3A COA B . -12.36 0.15 6.22
P2A COA B . -12.44 1.35 5.13
O4A COA B . -12.78 0.64 3.85
O5A COA B . -13.46 2.45 5.41
O6A COA B . -10.96 2.10 5.15
CBP COA B . -9.12 3.44 6.13
CCP COA B . -10.50 2.76 6.29
CDP COA B . -8.49 3.72 7.48
CEP COA B . -8.14 2.47 5.39
CAP COA B . -9.19 4.76 5.26
OAP COA B . -10.45 4.91 4.67
C9P COA B . -8.97 6.10 5.93
O9P COA B . -9.98 6.61 6.44
N8P COA B . -7.79 6.77 6.00
C7P COA B . -6.48 6.30 5.45
C6P COA B . -5.45 6.25 6.58
C5P COA B . -4.81 4.88 6.76
O5P COA B . -5.49 3.86 6.70
N4P COA B . -3.52 4.69 7.03
C3P COA B . -2.59 5.82 7.11
C2P COA B . -2.37 6.32 5.63
S1P COA B . -0.93 5.43 4.97
H2A COA B . -13.03 4.54 14.71
H61A COA B . -13.61 7.04 10.90
H62A COA B . -13.23 5.99 9.58
H8A COA B . -12.13 1.45 8.96
H1B COA B . -11.00 0.36 11.94
H2B COA B . -13.40 0.45 12.77
HO2A COA B . -11.36 -1.57 12.56
H3B COA B . -14.60 -0.36 11.04
H4B COA B . -12.37 -2.31 10.05
H51A COA B . -14.64 -1.43 8.97
H52A COA B . -13.62 -0.05 8.52
H121 COA B . -11.22 3.52 6.54
H122 COA B . -10.44 2.05 7.08
H131 COA B . -7.62 4.37 7.34
H132 COA B . -8.18 2.79 7.94
H133 COA B . -9.20 4.22 8.12
H141 COA B . -7.13 2.91 5.37
H142 COA B . -8.48 2.30 4.36
H143 COA B . -8.10 1.50 5.92
H10 COA B . -8.34 4.57 4.58
HO1 COA B . -10.40 5.26 3.82
HN8 COA B . -7.80 7.68 6.45
H71 COA B . -6.14 6.97 4.68
H72 COA B . -6.60 5.31 5.03
H61 COA B . -4.64 6.97 6.35
H62 COA B . -5.95 6.55 7.52
HN4 COA B . -3.20 3.80 7.16
H31 COA B . -1.66 5.50 7.53
H32 COA B . -3.00 6.61 7.70
H21 COA B . -2.18 7.39 5.63
H22 COA B . -3.24 6.10 5.03
HS1 COA B . -0.94 5.49 3.65
#